data_4MK5
#
_entry.id   4MK5
#
_cell.length_a   88.195
_cell.length_b   101.683
_cell.length_c   66.206
_cell.angle_alpha   90.00
_cell.angle_beta   90.00
_cell.angle_gamma   90.00
#
_symmetry.space_group_name_H-M   'C 2 2 21'
#
loop_
_entity.id
_entity.type
_entity.pdbx_description
1 polymer 'POLYMERASE PA'
2 non-polymer 'MANGANESE (II) ION'
3 non-polymer 'SULFATE ION'
4 non-polymer 1,2-ETHANEDIOL
5 non-polymer 3-hydroxy-6-(3-methoxyphenyl)pyridin-2(5H)-one
6 water water
#
_entity_poly.entity_id   1
_entity_poly.type   'polypeptide(L)'
_entity_poly.pdbx_seq_one_letter_code
;MAHHHHHHSRAWRHPQFGGHHHHHHALEVLFQGPLGSMEDFVRQCFNPMIVELAEKAMKEYGEDPKIETNKFAAICTHLE
VCFMYSDFHFIDERGESIIVESGDPNALLKHRFEIIEGRDRIMAWTVVNSICNTTGVEKPKFLPDLYDYKENRFIEIGVT
RREVHIYYLEKANKIKSEKTHIHIFSFTGEEMATKADYTLDEESRARIKTRLFTIRQEMASRSLWDSFRQSERGEETVEE
R
;
_entity_poly.pdbx_strand_id   A
#
loop_
_chem_comp.id
_chem_comp.type
_chem_comp.name
_chem_comp.formula
28A non-polymer 3-hydroxy-6-(3-methoxyphenyl)pyridin-2(5H)-one 'C12 H11 N O3'
EDO non-polymer 1,2-ETHANEDIOL 'C2 H6 O2'
MN non-polymer 'MANGANESE (II) ION' 'Mn 2'
SO4 non-polymer 'SULFATE ION' 'O4 S -2'
#
# COMPACT_ATOMS: atom_id res chain seq x y z
N GLY A 33 19.37 -11.36 21.48
CA GLY A 33 20.21 -10.23 20.97
C GLY A 33 19.76 -8.90 21.56
N PRO A 34 20.46 -7.80 21.21
CA PRO A 34 20.10 -6.48 21.76
C PRO A 34 18.80 -6.01 21.15
N LEU A 35 18.01 -5.27 21.92
CA LEU A 35 16.79 -4.72 21.40
C LEU A 35 17.11 -3.39 20.70
N GLY A 36 16.79 -3.31 19.42
CA GLY A 36 16.95 -2.07 18.69
C GLY A 36 15.78 -1.13 18.91
N SER A 37 15.86 0.06 18.33
CA SER A 37 14.72 0.95 18.36
C SER A 37 13.97 0.90 17.04
N MET A 38 12.66 1.01 17.09
CA MET A 38 11.88 0.98 15.86
C MET A 38 12.18 2.22 15.00
N GLU A 39 12.45 3.35 15.65
CA GLU A 39 12.91 4.55 14.93
C GLU A 39 14.10 4.29 14.02
N ASP A 40 15.14 3.67 14.57
CA ASP A 40 16.34 3.30 13.82
C ASP A 40 15.96 2.36 12.67
N PHE A 41 15.09 1.40 12.95
CA PHE A 41 14.71 0.46 11.93
C PHE A 41 14.06 1.19 10.76
N VAL A 42 13.12 2.07 11.09
CA VAL A 42 12.37 2.76 10.06
C VAL A 42 13.29 3.63 9.19
N ARG A 43 14.19 4.37 9.82
CA ARG A 43 15.08 5.28 9.10
C ARG A 43 16.09 4.57 8.24
N GLN A 44 16.48 3.38 8.69
CA GLN A 44 17.47 2.60 7.95
C GLN A 44 16.90 1.74 6.83
N CYS A 45 15.65 1.33 6.96
N CYS A 45 15.67 1.27 6.99
CA CYS A 45 15.10 0.32 6.07
CA CYS A 45 15.10 0.30 6.05
C CYS A 45 14.01 0.84 5.12
C CYS A 45 14.08 0.88 5.05
N PHE A 46 13.59 2.09 5.29
CA PHE A 46 12.70 2.75 4.31
C PHE A 46 13.32 3.97 3.63
N ASN A 47 12.99 4.16 2.35
CA ASN A 47 13.44 5.33 1.61
C ASN A 47 13.04 6.61 2.37
N PRO A 48 13.90 7.63 2.40
CA PRO A 48 13.53 8.84 3.15
C PRO A 48 12.21 9.50 2.68
N MET A 49 11.86 9.33 1.41
CA MET A 49 10.61 9.86 0.88
C MET A 49 9.41 9.21 1.56
N ILE A 50 9.45 7.89 1.68
CA ILE A 50 8.42 7.16 2.41
C ILE A 50 8.35 7.58 3.86
N VAL A 51 9.48 7.68 4.53
CA VAL A 51 9.50 8.07 5.93
C VAL A 51 8.88 9.45 6.14
N GLU A 52 9.24 10.40 5.30
CA GLU A 52 8.74 11.77 5.42
C GLU A 52 7.23 11.79 5.17
N LEU A 53 6.76 11.09 4.12
CA LEU A 53 5.32 11.01 3.84
C LEU A 53 4.55 10.39 5.00
N ALA A 54 5.13 9.37 5.63
CA ALA A 54 4.50 8.74 6.79
C ALA A 54 4.44 9.66 8.00
N GLU A 55 5.54 10.34 8.31
CA GLU A 55 5.56 11.32 9.41
C GLU A 55 4.52 12.41 9.21
N LYS A 56 4.46 12.94 8.01
CA LYS A 56 3.47 13.96 7.68
C LYS A 56 2.02 13.47 7.89
N ALA A 57 1.72 12.24 7.50
CA ALA A 57 0.37 11.71 7.62
C ALA A 57 0.03 11.50 9.10
N MET A 58 0.98 10.98 9.88
CA MET A 58 0.78 10.86 11.32
C MET A 58 0.53 12.17 12.02
N LYS A 59 1.12 13.23 11.53
CA LYS A 59 0.96 14.53 12.15
C LYS A 59 -0.37 15.10 11.72
N GLU A 60 -0.71 14.95 10.46
CA GLU A 60 -2.02 15.39 9.97
C GLU A 60 -3.14 14.79 10.83
N TYR A 61 -2.96 13.55 11.32
CA TYR A 61 -3.99 12.86 12.12
C TYR A 61 -3.75 12.91 13.65
N GLY A 62 -2.76 13.67 14.09
CA GLY A 62 -2.55 13.88 15.52
C GLY A 62 -1.88 12.72 16.24
N GLU A 63 -1.04 12.00 15.52
CA GLU A 63 -0.29 10.90 16.14
C GLU A 63 1.19 11.19 16.01
N ASP A 64 1.97 10.75 17.00
CA ASP A 64 3.38 11.12 17.03
C ASP A 64 4.20 9.90 16.67
N PRO A 65 5.03 10.02 15.62
CA PRO A 65 5.82 8.87 15.19
C PRO A 65 6.79 8.37 16.25
N LYS A 66 7.11 9.20 17.23
CA LYS A 66 8.11 8.82 18.24
C LYS A 66 7.47 8.14 19.42
N ILE A 67 6.15 8.09 19.42
CA ILE A 67 5.41 7.41 20.46
C ILE A 67 4.66 6.21 19.89
N GLU A 68 3.92 6.43 18.81
CA GLU A 68 3.23 5.34 18.11
C GLU A 68 4.17 4.75 17.07
N THR A 69 5.25 4.15 17.56
CA THR A 69 6.35 3.69 16.71
C THR A 69 6.01 2.45 15.88
N ASN A 70 5.28 1.48 16.43
CA ASN A 70 4.83 0.33 15.65
C ASN A 70 3.90 0.85 14.52
N LYS A 71 3.05 1.80 14.86
CA LYS A 71 2.15 2.36 13.84
C LYS A 71 2.91 3.08 12.74
N PHE A 72 3.96 3.79 13.11
CA PHE A 72 4.83 4.48 12.19
C PHE A 72 5.39 3.45 11.19
N ALA A 73 5.93 2.35 11.70
CA ALA A 73 6.49 1.31 10.81
C ALA A 73 5.42 0.69 9.92
N ALA A 74 4.22 0.52 10.47
CA ALA A 74 3.11 -0.05 9.69
C ALA A 74 2.70 0.90 8.55
N ILE A 75 2.63 2.20 8.83
CA ILE A 75 2.30 3.23 7.82
C ILE A 75 3.36 3.25 6.71
N CYS A 76 4.63 3.19 7.09
CA CYS A 76 5.70 3.13 6.09
C CYS A 76 5.59 1.88 5.21
N THR A 77 5.32 0.75 5.86
CA THR A 77 5.18 -0.52 5.15
C THR A 77 4.03 -0.47 4.14
N HIS A 78 2.86 -0.01 4.60
CA HIS A 78 1.69 0.10 3.76
C HIS A 78 1.92 1.06 2.61
N LEU A 79 2.64 2.18 2.84
CA LEU A 79 2.81 3.13 1.77
C LEU A 79 3.79 2.53 0.74
N GLU A 80 4.79 1.83 1.20
CA GLU A 80 5.70 1.15 0.29
C GLU A 80 5.00 0.09 -0.54
N VAL A 81 4.07 -0.65 0.07
CA VAL A 81 3.32 -1.66 -0.65
C VAL A 81 2.47 -0.99 -1.76
N CYS A 82 1.81 0.12 -1.43
CA CYS A 82 1.08 0.89 -2.42
C CYS A 82 1.96 1.30 -3.60
N PHE A 83 3.15 1.82 -3.32
CA PHE A 83 4.07 2.21 -4.40
C PHE A 83 4.47 0.97 -5.24
N MET A 84 4.79 -0.11 -4.55
CA MET A 84 5.28 -1.31 -5.22
C MET A 84 4.20 -1.97 -6.07
N TYR A 85 2.96 -1.81 -5.65
CA TYR A 85 1.81 -2.34 -6.41
C TYR A 85 1.68 -1.63 -7.75
N SER A 86 1.92 -0.33 -7.72
CA SER A 86 1.93 0.56 -8.92
C SER A 86 3.15 0.46 -9.82
N ASP A 87 4.33 0.36 -9.21
CA ASP A 87 5.62 0.23 -9.89
C ASP A 87 5.57 -0.64 -11.15
N PHE A 88 6.10 -0.11 -12.24
CA PHE A 88 6.37 -0.81 -13.49
C PHE A 88 5.13 -1.19 -14.26
N HIS A 89 3.99 -0.57 -13.98
CA HIS A 89 2.74 -0.99 -14.65
C HIS A 89 2.22 0.18 -15.44
N PHE A 90 2.12 -0.03 -16.75
CA PHE A 90 1.75 1.04 -17.66
C PHE A 90 0.68 0.60 -18.59
N ILE A 91 0.07 1.58 -19.24
CA ILE A 91 -0.81 1.31 -20.35
C ILE A 91 -0.13 1.87 -21.59
N ASP A 92 0.00 1.01 -22.62
CA ASP A 92 0.80 1.30 -23.80
C ASP A 92 0.00 2.09 -24.85
N GLU A 93 0.66 2.48 -25.95
CA GLU A 93 0.05 3.20 -27.08
C GLU A 93 -1.26 2.58 -27.57
N ARG A 94 -1.30 1.25 -27.55
CA ARG A 94 -2.48 0.52 -28.00
C ARG A 94 -3.57 0.56 -26.95
N GLY A 95 -3.17 0.81 -25.70
CA GLY A 95 -4.13 0.85 -24.61
C GLY A 95 -4.12 -0.42 -23.79
N GLU A 96 -3.14 -1.28 -24.04
CA GLU A 96 -3.00 -2.52 -23.26
C GLU A 96 -2.11 -2.29 -22.05
N SER A 97 -2.29 -3.12 -21.01
CA SER A 97 -1.51 -3.00 -19.80
C SER A 97 -0.22 -3.78 -20.03
N ILE A 98 0.90 -3.17 -19.70
CA ILE A 98 2.19 -3.82 -19.84
C ILE A 98 3.10 -3.53 -18.66
N ILE A 99 4.15 -4.33 -18.53
CA ILE A 99 5.06 -4.19 -17.39
C ILE A 99 6.40 -3.75 -17.97
N VAL A 100 6.94 -2.66 -17.44
CA VAL A 100 8.20 -2.11 -17.91
C VAL A 100 9.10 -1.87 -16.71
N GLU A 101 10.02 -2.80 -16.48
CA GLU A 101 10.87 -2.77 -15.30
C GLU A 101 12.14 -1.95 -15.48
N SER A 102 12.49 -1.65 -16.73
CA SER A 102 13.62 -0.78 -16.99
C SER A 102 13.32 0.62 -16.46
N GLY A 103 14.35 1.45 -16.36
CA GLY A 103 14.21 2.81 -15.86
C GLY A 103 13.61 3.75 -16.88
N ASP A 104 13.72 3.39 -18.16
CA ASP A 104 13.22 4.24 -19.24
C ASP A 104 12.01 3.64 -19.95
N PRO A 105 10.80 4.01 -19.48
CA PRO A 105 9.61 3.68 -20.27
C PRO A 105 9.47 4.57 -21.51
N ASN A 106 8.98 3.99 -22.60
CA ASN A 106 8.60 4.74 -23.80
C ASN A 106 7.75 5.98 -23.43
N ALA A 107 7.99 7.10 -24.11
CA ALA A 107 7.35 8.37 -23.71
C ALA A 107 5.83 8.42 -23.89
N LEU A 108 5.28 7.51 -24.71
CA LEU A 108 3.84 7.44 -24.94
C LEU A 108 3.11 6.60 -23.87
N LEU A 109 3.87 6.00 -22.96
CA LEU A 109 3.31 5.17 -21.92
C LEU A 109 2.68 5.99 -20.79
N LYS A 110 1.57 5.48 -20.29
CA LYS A 110 0.85 6.11 -19.18
C LYS A 110 0.83 5.17 -17.96
N HIS A 111 1.05 5.73 -16.78
CA HIS A 111 0.96 4.92 -15.56
C HIS A 111 -0.39 4.24 -15.51
N ARG A 112 -0.38 2.96 -15.17
CA ARG A 112 -1.62 2.22 -15.04
C ARG A 112 -2.40 2.62 -13.80
N PHE A 113 -1.70 3.01 -12.75
CA PHE A 113 -2.36 3.33 -11.47
C PHE A 113 -2.19 4.77 -11.08
N GLU A 114 -3.23 5.31 -10.44
CA GLU A 114 -3.12 6.55 -9.73
C GLU A 114 -2.88 6.18 -8.28
N ILE A 115 -1.98 6.88 -7.63
CA ILE A 115 -1.68 6.63 -6.23
C ILE A 115 -2.32 7.71 -5.40
N ILE A 116 -3.21 7.29 -4.51
CA ILE A 116 -3.95 8.20 -3.64
C ILE A 116 -3.24 8.31 -2.30
N GLU A 117 -2.95 7.17 -1.67
CA GLU A 117 -2.26 7.15 -0.39
C GLU A 117 -0.96 7.95 -0.49
N GLY A 118 -0.58 8.62 0.60
CA GLY A 118 0.65 9.40 0.58
C GLY A 118 0.37 10.87 0.35
N ARG A 119 -0.81 11.19 -0.15
CA ARG A 119 -1.16 12.58 -0.39
C ARG A 119 -1.85 13.12 0.85
N ASP A 120 -1.77 14.43 1.11
CA ASP A 120 -2.53 14.96 2.24
C ASP A 120 -4.00 14.94 1.88
N ARG A 121 -4.88 15.17 2.86
CA ARG A 121 -6.30 14.93 2.59
C ARG A 121 -6.88 15.84 1.48
N ILE A 122 -6.47 17.09 1.38
CA ILE A 122 -7.02 17.95 0.33
C ILE A 122 -6.61 17.43 -1.05
N MET A 123 -5.35 17.05 -1.17
CA MET A 123 -4.84 16.60 -2.46
C MET A 123 -5.39 15.22 -2.79
N ALA A 124 -5.51 14.35 -1.81
CA ALA A 124 -6.07 13.03 -2.07
C ALA A 124 -7.49 13.12 -2.61
N TRP A 125 -8.34 13.97 -2.00
CA TRP A 125 -9.71 14.12 -2.47
C TRP A 125 -9.77 14.83 -3.80
N THR A 126 -8.84 15.76 -4.03
CA THR A 126 -8.78 16.46 -5.30
C THR A 126 -8.58 15.40 -6.40
N VAL A 127 -7.62 14.51 -6.19
CA VAL A 127 -7.30 13.48 -7.15
C VAL A 127 -8.47 12.50 -7.31
N VAL A 128 -9.07 12.08 -6.20
CA VAL A 128 -10.20 11.17 -6.25
C VAL A 128 -11.31 11.86 -7.08
N ASN A 129 -11.78 13.02 -6.63
CA ASN A 129 -12.92 13.66 -7.30
C ASN A 129 -12.67 13.82 -8.78
N SER A 130 -11.47 14.20 -9.15
CA SER A 130 -11.10 14.30 -10.55
C SER A 130 -11.35 12.95 -11.30
N ILE A 131 -10.75 11.86 -10.82
CA ILE A 131 -10.90 10.53 -11.44
C ILE A 131 -12.37 10.20 -11.66
N CYS A 132 -13.17 10.55 -10.67
CA CYS A 132 -14.56 10.16 -10.60
C CYS A 132 -15.42 10.87 -11.61
N ASN A 133 -15.21 12.18 -11.72
CA ASN A 133 -15.94 12.98 -12.69
C ASN A 133 -15.49 12.68 -14.13
N THR A 134 -14.24 12.23 -14.28
CA THR A 134 -13.70 11.88 -15.60
C THR A 134 -14.16 10.53 -16.12
N THR A 135 -13.86 9.51 -15.34
CA THR A 135 -14.09 8.13 -15.74
C THR A 135 -15.54 7.74 -15.47
N GLY A 136 -16.25 8.57 -14.71
CA GLY A 136 -17.62 8.27 -14.38
C GLY A 136 -17.80 7.37 -13.17
N VAL A 137 -16.71 6.74 -12.72
CA VAL A 137 -16.71 5.97 -11.46
C VAL A 137 -17.23 6.83 -10.31
N GLU A 138 -18.16 6.27 -9.54
CA GLU A 138 -18.75 6.97 -8.40
C GLU A 138 -17.72 7.32 -7.33
N LYS A 139 -18.05 8.30 -6.47
CA LYS A 139 -17.15 8.71 -5.38
C LYS A 139 -17.24 7.79 -4.19
N PRO A 140 -16.09 7.32 -3.69
CA PRO A 140 -16.12 6.49 -2.49
C PRO A 140 -16.35 7.31 -1.22
N LYS A 141 -16.79 6.68 -0.14
CA LYS A 141 -16.98 7.32 1.17
C LYS A 141 -15.67 7.70 1.84
N PHE A 142 -14.69 6.80 1.84
CA PHE A 142 -13.38 7.04 2.42
C PHE A 142 -12.33 7.05 1.34
N LEU A 143 -11.18 7.66 1.62
CA LEU A 143 -10.09 7.67 0.67
C LEU A 143 -9.59 6.22 0.41
N PRO A 144 -9.59 5.80 -0.86
CA PRO A 144 -8.92 4.53 -1.17
C PRO A 144 -7.40 4.74 -1.36
N ASP A 145 -6.68 3.70 -1.75
CA ASP A 145 -5.22 3.80 -1.90
C ASP A 145 -4.74 4.02 -3.33
N LEU A 146 -5.40 3.40 -4.30
CA LEU A 146 -5.04 3.47 -5.72
C LEU A 146 -6.27 3.55 -6.59
N TYR A 147 -6.08 3.97 -7.84
CA TYR A 147 -7.06 3.80 -8.88
C TYR A 147 -6.40 3.06 -10.02
N ASP A 148 -7.08 2.02 -10.50
CA ASP A 148 -6.59 1.18 -11.61
C ASP A 148 -7.28 1.58 -12.90
N TYR A 149 -6.54 2.18 -13.84
CA TYR A 149 -7.12 2.61 -15.11
C TYR A 149 -7.39 1.43 -16.04
N LYS A 150 -6.82 0.25 -15.78
CA LYS A 150 -7.11 -0.92 -16.62
C LYS A 150 -8.45 -1.50 -16.19
N GLU A 151 -8.59 -1.74 -14.89
CA GLU A 151 -9.80 -2.38 -14.35
C GLU A 151 -10.89 -1.40 -14.02
N ASN A 152 -10.55 -0.12 -14.15
CA ASN A 152 -11.50 0.96 -13.88
C ASN A 152 -12.15 0.85 -12.50
N ARG A 153 -11.32 0.76 -11.47
CA ARG A 153 -11.80 0.70 -10.10
C ARG A 153 -10.78 1.22 -9.13
N PHE A 154 -11.26 1.76 -8.02
CA PHE A 154 -10.44 2.06 -6.86
C PHE A 154 -10.05 0.79 -6.13
N ILE A 155 -8.87 0.84 -5.50
CA ILE A 155 -8.33 -0.28 -4.73
C ILE A 155 -8.00 0.19 -3.33
N GLU A 156 -8.44 -0.58 -2.34
CA GLU A 156 -7.96 -0.46 -0.96
C GLU A 156 -6.91 -1.54 -0.71
N ILE A 157 -5.70 -1.11 -0.40
CA ILE A 157 -4.63 -2.02 -0.01
C ILE A 157 -4.60 -2.23 1.48
N GLY A 158 -4.49 -3.47 1.90
CA GLY A 158 -4.31 -3.77 3.31
C GLY A 158 -3.04 -4.54 3.49
N VAL A 159 -2.34 -4.24 4.58
CA VAL A 159 -1.18 -5.01 5.02
C VAL A 159 -1.41 -5.35 6.49
N THR A 160 -1.39 -6.66 6.81
CA THR A 160 -1.77 -7.11 8.13
C THR A 160 -0.79 -8.10 8.72
N ARG A 161 -0.69 -8.00 10.04
CA ARG A 161 0.07 -8.94 10.86
C ARG A 161 -0.83 -10.07 11.43
N ARG A 162 -2.12 -10.04 11.08
CA ARG A 162 -3.12 -11.03 11.54
C ARG A 162 -3.65 -11.82 10.35
N GLU A 163 -4.57 -12.75 10.56
CA GLU A 163 -5.15 -13.51 9.44
C GLU A 163 -5.79 -12.61 8.37
N VAL A 164 -5.50 -12.88 7.10
CA VAL A 164 -5.98 -12.01 6.03
C VAL A 164 -7.50 -11.95 5.93
N HIS A 165 -8.20 -13.03 6.27
CA HIS A 165 -9.66 -13.04 6.17
C HIS A 165 -10.28 -12.09 7.20
N ILE A 166 -9.68 -12.03 8.39
CA ILE A 166 -10.18 -11.16 9.44
C ILE A 166 -10.03 -9.71 9.02
N TYR A 167 -8.84 -9.37 8.57
CA TYR A 167 -8.56 -8.02 8.13
C TYR A 167 -9.35 -7.65 6.88
N TYR A 168 -9.57 -8.63 6.00
CA TYR A 168 -10.36 -8.36 4.83
C TYR A 168 -11.76 -7.90 5.25
N LEU A 169 -12.36 -8.62 6.16
CA LEU A 169 -13.73 -8.30 6.60
C LEU A 169 -13.78 -6.94 7.26
N GLU A 170 -12.74 -6.59 8.01
CA GLU A 170 -12.72 -5.28 8.65
C GLU A 170 -12.71 -4.15 7.64
N LYS A 171 -11.95 -4.29 6.57
CA LYS A 171 -11.90 -3.23 5.59
C LYS A 171 -13.17 -3.20 4.74
N ALA A 172 -13.72 -4.39 4.49
CA ALA A 172 -14.93 -4.50 3.72
C ALA A 172 -16.08 -3.82 4.46
N ASN A 173 -16.14 -4.08 5.76
CA ASN A 173 -17.23 -3.57 6.57
C ASN A 173 -17.15 -2.08 6.80
N LYS A 174 -15.96 -1.54 6.60
CA LYS A 174 -15.72 -0.14 6.89
C LYS A 174 -16.09 0.72 5.70
N ILE A 175 -15.72 0.27 4.52
CA ILE A 175 -15.93 1.07 3.33
C ILE A 175 -17.27 0.76 2.68
N LYS A 176 -17.54 -0.53 2.45
CA LYS A 176 -18.83 -0.99 1.92
C LYS A 176 -19.33 -0.14 0.75
N SER A 177 -18.38 0.34 -0.07
CA SER A 177 -18.73 1.10 -1.26
C SER A 177 -19.12 0.07 -2.30
N GLU A 178 -18.45 -1.08 -2.24
CA GLU A 178 -18.80 -2.24 -3.02
C GLU A 178 -18.51 -1.98 -4.49
N LYS A 179 -17.70 -0.96 -4.74
CA LYS A 179 -17.08 -0.81 -6.04
C LYS A 179 -15.59 -0.80 -5.81
N THR A 180 -15.17 -0.45 -4.60
CA THR A 180 -13.76 -0.44 -4.26
C THR A 180 -13.27 -1.84 -4.05
N HIS A 181 -12.23 -2.19 -4.81
CA HIS A 181 -11.66 -3.53 -4.74
C HIS A 181 -10.69 -3.56 -3.56
N ILE A 182 -10.66 -4.64 -2.81
CA ILE A 182 -9.78 -4.75 -1.67
C ILE A 182 -8.74 -5.84 -1.93
N HIS A 183 -7.48 -5.52 -1.63
CA HIS A 183 -6.41 -6.50 -1.75
C HIS A 183 -5.57 -6.49 -0.49
N ILE A 184 -5.56 -7.61 0.23
CA ILE A 184 -4.89 -7.71 1.53
C ILE A 184 -3.66 -8.59 1.37
N PHE A 185 -2.55 -8.12 1.95
CA PHE A 185 -1.32 -8.89 2.04
C PHE A 185 -0.99 -9.09 3.53
N SER A 186 -0.50 -10.26 3.89
CA SER A 186 0.02 -10.50 5.23
C SER A 186 1.54 -10.57 5.14
N PHE A 187 2.17 -10.58 6.29
CA PHE A 187 3.61 -10.70 6.33
C PHE A 187 4.14 -12.11 6.08
N THR A 188 3.26 -13.12 6.09
CA THR A 188 3.69 -14.50 5.87
C THR A 188 3.28 -15.05 4.48
N GLY A 189 2.84 -14.15 3.61
CA GLY A 189 2.68 -14.44 2.21
C GLY A 189 1.24 -14.71 1.77
N GLU A 190 0.30 -14.80 2.72
CA GLU A 190 -1.10 -15.04 2.39
C GLU A 190 -1.66 -13.78 1.77
N GLU A 191 -2.61 -13.92 0.85
CA GLU A 191 -3.30 -12.77 0.29
C GLU A 191 -4.79 -13.10 0.26
N MET A 192 -5.60 -12.05 0.31
CA MET A 192 -7.03 -12.15 0.09
CA MET A 192 -7.04 -12.15 0.06
C MET A 192 -7.46 -10.95 -0.74
N ALA A 193 -8.26 -11.18 -1.76
CA ALA A 193 -8.76 -10.08 -2.59
C ALA A 193 -10.19 -10.31 -3.01
N THR A 194 -10.89 -9.20 -3.17
CA THR A 194 -12.30 -9.19 -3.57
C THR A 194 -12.54 -10.11 -4.75
N LYS A 195 -13.52 -11.00 -4.60
CA LYS A 195 -13.95 -11.91 -5.67
C LYS A 195 -12.82 -12.78 -6.25
N ALA A 196 -11.80 -13.02 -5.44
CA ALA A 196 -10.68 -13.87 -5.80
C ALA A 196 -10.02 -13.34 -7.06
N ASP A 197 -10.10 -12.02 -7.20
CA ASP A 197 -9.50 -11.26 -8.30
C ASP A 197 -8.31 -10.50 -7.78
N TYR A 198 -7.10 -10.94 -8.16
CA TYR A 198 -5.86 -10.46 -7.54
C TYR A 198 -5.16 -9.33 -8.33
N THR A 199 -5.79 -8.90 -9.43
CA THR A 199 -5.43 -7.71 -10.22
C THR A 199 -4.10 -7.87 -10.98
N LEU A 200 -3.05 -8.18 -10.25
CA LEU A 200 -1.67 -8.25 -10.76
C LEU A 200 -1.21 -9.67 -10.96
N ASP A 201 -0.21 -9.82 -11.84
CA ASP A 201 0.49 -11.07 -12.06
C ASP A 201 1.21 -11.58 -10.80
N GLU A 202 1.58 -12.85 -10.82
CA GLU A 202 2.23 -13.47 -9.68
C GLU A 202 3.57 -12.81 -9.37
N GLU A 203 4.32 -12.40 -10.38
CA GLU A 203 5.67 -11.87 -10.10
C GLU A 203 5.58 -10.54 -9.36
N SER A 204 4.67 -9.66 -9.76
CA SER A 204 4.44 -8.41 -9.03
C SER A 204 4.07 -8.59 -7.56
N ARG A 205 3.15 -9.51 -7.30
CA ARG A 205 2.74 -9.79 -5.93
C ARG A 205 3.89 -10.44 -5.16
N ALA A 206 4.68 -11.23 -5.86
CA ALA A 206 5.86 -11.85 -5.27
C ALA A 206 6.89 -10.81 -4.80
N ARG A 207 7.07 -9.73 -5.58
CA ARG A 207 7.97 -8.66 -5.15
C ARG A 207 7.51 -8.11 -3.80
N ILE A 208 6.21 -7.86 -3.68
CA ILE A 208 5.63 -7.31 -2.45
C ILE A 208 5.81 -8.27 -1.30
N LYS A 209 5.51 -9.56 -1.54
CA LYS A 209 5.62 -10.53 -0.46
C LYS A 209 7.07 -10.72 -0.02
N THR A 210 8.01 -10.66 -0.94
CA THR A 210 9.43 -10.74 -0.59
C THR A 210 9.88 -9.56 0.30
N ARG A 211 9.42 -8.37 -0.06
CA ARG A 211 9.74 -7.18 0.70
C ARG A 211 9.16 -7.29 2.12
N LEU A 212 7.92 -7.77 2.23
CA LEU A 212 7.32 -7.97 3.53
C LEU A 212 8.03 -8.99 4.39
N PHE A 213 8.46 -10.08 3.77
N PHE A 213 8.46 -10.09 3.77
CA PHE A 213 9.27 -11.09 4.43
CA PHE A 213 9.25 -11.10 4.46
C PHE A 213 10.55 -10.46 4.95
C PHE A 213 10.54 -10.45 4.97
N THR A 214 11.16 -9.61 4.14
CA THR A 214 12.42 -8.94 4.51
C THR A 214 12.23 -8.02 5.72
N ILE A 215 11.16 -7.25 5.70
CA ILE A 215 10.84 -6.35 6.81
C ILE A 215 10.67 -7.15 8.08
N ARG A 216 9.90 -8.25 8.00
CA ARG A 216 9.71 -9.08 9.20
C ARG A 216 11.02 -9.66 9.73
N GLN A 217 11.84 -10.23 8.84
CA GLN A 217 13.10 -10.84 9.24
C GLN A 217 14.03 -9.83 9.89
N GLU A 218 14.08 -8.62 9.33
CA GLU A 218 14.96 -7.61 9.86
C GLU A 218 14.46 -7.09 11.24
N MET A 219 13.15 -6.93 11.36
CA MET A 219 12.55 -6.52 12.62
C MET A 219 12.89 -7.59 13.64
N ALA A 220 12.76 -8.85 13.23
CA ALA A 220 13.06 -9.94 14.13
C ALA A 220 14.53 -9.93 14.58
N SER A 221 15.44 -9.60 13.67
CA SER A 221 16.85 -9.60 14.07
C SER A 221 17.12 -8.53 15.13
N ARG A 222 16.30 -7.49 15.13
CA ARG A 222 16.44 -6.37 16.07
C ARG A 222 15.54 -6.54 17.30
N SER A 223 14.91 -7.71 17.42
CA SER A 223 13.93 -8.00 18.47
C SER A 223 12.72 -7.03 18.54
N LEU A 224 12.26 -6.56 17.38
CA LEU A 224 11.13 -5.66 17.27
C LEU A 224 9.88 -6.34 16.76
N TRP A 225 10.02 -7.55 16.24
CA TRP A 225 8.92 -8.17 15.51
C TRP A 225 7.74 -8.61 16.38
N ASP A 226 7.99 -9.35 17.45
CA ASP A 226 6.90 -9.88 18.28
C ASP A 226 5.93 -8.78 18.68
N SER A 227 6.51 -7.67 19.19
CA SER A 227 5.72 -6.53 19.59
C SER A 227 5.01 -5.86 18.45
N PHE A 228 5.69 -5.67 17.33
CA PHE A 228 5.06 -5.07 16.18
C PHE A 228 3.86 -5.91 15.75
N ARG A 229 4.04 -7.23 15.72
CA ARG A 229 2.97 -8.13 15.31
C ARG A 229 1.78 -7.97 16.25
N GLN A 230 2.03 -8.02 17.56
CA GLN A 230 0.96 -8.00 18.56
C GLN A 230 0.19 -6.66 18.71
N SER A 231 0.81 -5.57 18.27
CA SER A 231 0.22 -4.25 18.46
C SER A 231 -0.86 -3.91 17.42
N GLU A 232 -0.97 -4.67 16.35
CA GLU A 232 -2.01 -4.37 15.36
C GLU A 232 -3.38 -4.47 16.05
MN MN B . -4.92 0.79 2.76
MN MN C . -5.19 4.62 2.46
MN MN D . -3.77 8.19 3.96
S SO4 E . 4.33 1.60 20.59
O1 SO4 E . 5.66 2.21 20.57
O2 SO4 E . 3.45 2.47 21.36
O3 SO4 E . 3.83 1.42 19.23
O4 SO4 E . 4.39 0.28 21.24
C1 EDO F . -0.64 -0.05 13.01
O1 EDO F . -1.90 -0.33 12.40
C2 EDO F . -0.63 -0.55 14.45
O2 EDO F . 0.71 -0.86 14.83
H11 EDO F . 0.16 -0.54 12.45
H12 EDO F . -0.46 1.03 12.99
HO1 EDO F . -1.89 -0.02 11.49
H21 EDO F . -1.26 -1.45 14.53
H22 EDO F . -1.05 0.22 15.11
HO2 EDO F . 0.72 -1.17 15.75
O01 28A G . -4.88 0.42 4.91
C02 28A G . -4.40 1.53 5.56
C03 28A G . -3.85 1.45 6.85
C04 28A G . -3.37 2.66 7.42
C05 28A G . -3.44 3.83 6.68
C06 28A G . -2.94 5.14 7.20
C07 28A G . -3.05 5.40 8.56
C08 28A G . -2.61 6.62 9.04
O09 28A G . -2.73 6.87 10.37
C10 28A G . -2.41 8.15 10.84
C11 28A G . -2.05 7.57 8.19
C12 28A G . -1.94 7.31 6.82
C13 28A G . -2.38 6.08 6.34
N14 28A G . -3.96 3.85 5.44
C15 28A G . -4.44 2.75 4.88
O16 28A G . -4.97 2.82 3.65
#